data_5LGH
#
_entry.id   5LGH
#
_cell.length_a   72.196
_cell.length_b   67.491
_cell.length_c   88.941
_cell.angle_alpha   90.00
_cell.angle_beta   90.00
_cell.angle_gamma   90.00
#
_symmetry.space_group_name_H-M   'P 21 21 21'
#
loop_
_entity.id
_entity.type
_entity.pdbx_description
1 polymer 'MOUSE ANTIBODY FAB FRAGMENT, IGG1-KAPPA HEAVY CHAIN'
2 polymer 'MOUSE ANTIBODY FAB FRAGMENT, IGG1-KAPPA LIGHT CHAIN'
3 non-polymer 'TETRAETHYLENE GLYCOL'
4 non-polymer DI(HYDROXYETHYL)ETHER
5 non-polymer 'PENTAETHYLENE GLYCOL'
6 non-polymer 2-acetamido-2-deoxy-beta-D-glucopyranose
7 water water
#
loop_
_entity_poly.entity_id
_entity_poly.type
_entity_poly.pdbx_seq_one_letter_code
_entity_poly.pdbx_strand_id
1 'polypeptide(L)'
;EVKLEESGPELVKPGASMKMSCKASGYTFTSYIIHWLKQKPGQGLEWIGYINPYNDGSKYNEKFKGKATLTSDKSSSTAY
MELSSLASEDSAVYYCTRNYGSDSLDYWGQGTTLTVSSAKTTPPSVYPLAPGSAAQTNSMVTLGCLVKGYFPEPVTVTWN
SGSLSSGVHTFPAVLQSDLYTLSSSVTVPSSTWPSETVTCNVAHPASSTKVDKKIVPRDC
;
H
2 'polypeptide(L)'
;DIVLTQTPAIMSASLGERVTMTCTANSSVSSNYFHWYQQKPGSSPKLWIYSTSNLASGVPTRFSGSGSGTSYSLTLSSME
AEDAATYYCHQYHRSPPTFGSGTKLKMKRADAAPTVSIFPPSSEQLTSGGASVVCFLNNFYPKDINVKWKIDGSERQNGV
LNSWTDQDSKDSTYSMSSTLTLTKDEYERHNSYTCEATHKTSTSPIVKSFNRNEC
;
L
#
# COMPACT_ATOMS: atom_id res chain seq x y z
N GLU A 1 19.04 4.31 19.25
CA GLU A 1 18.97 4.32 17.77
C GLU A 1 18.02 5.43 17.32
N VAL A 2 18.36 6.05 16.19
CA VAL A 2 17.55 7.10 15.60
C VAL A 2 16.16 6.59 15.22
N LYS A 3 15.14 7.39 15.50
CA LYS A 3 13.77 7.08 15.10
CA LYS A 3 13.76 7.08 15.13
C LYS A 3 12.98 8.36 14.92
N LEU A 4 12.13 8.36 13.90
CA LEU A 4 11.20 9.45 13.64
C LEU A 4 9.82 8.80 13.68
N GLU A 5 8.98 9.27 14.61
CA GLU A 5 7.64 8.74 14.84
CA GLU A 5 7.64 8.71 14.77
C GLU A 5 6.63 9.76 14.36
N GLU A 6 5.88 9.44 13.31
CA GLU A 6 4.87 10.34 12.79
C GLU A 6 3.51 10.10 13.43
N SER A 7 2.66 11.11 13.39
CA SER A 7 1.31 11.06 13.92
C SER A 7 0.41 10.22 13.01
N GLY A 8 -0.75 9.86 13.53
CA GLY A 8 -1.64 8.93 12.88
C GLY A 8 -2.31 9.43 11.61
N PRO A 9 -3.01 8.54 10.89
CA PRO A 9 -3.72 8.96 9.69
C PRO A 9 -4.87 9.92 10.06
N GLU A 10 -5.11 10.94 9.24
N GLU A 10 -5.12 10.88 9.18
CA GLU A 10 -6.25 11.82 9.48
CA GLU A 10 -6.15 11.89 9.37
C GLU A 10 -7.10 12.03 8.22
C GLU A 10 -7.11 11.98 8.17
N LEU A 11 -8.41 12.14 8.46
CA LEU A 11 -9.41 12.48 7.47
C LEU A 11 -9.75 13.93 7.72
N VAL A 12 -9.66 14.78 6.69
CA VAL A 12 -10.04 16.20 6.83
C VAL A 12 -10.97 16.65 5.70
N LYS A 13 -11.89 17.53 6.03
CA LYS A 13 -12.82 18.09 5.08
C LYS A 13 -12.12 19.08 4.15
N PRO A 14 -12.55 19.16 2.88
CA PRO A 14 -11.95 20.17 2.00
C PRO A 14 -12.16 21.56 2.57
N GLY A 15 -11.18 22.43 2.37
CA GLY A 15 -11.21 23.80 2.90
C GLY A 15 -10.55 24.00 4.26
N ALA A 16 -10.42 22.94 5.04
CA ALA A 16 -9.85 23.04 6.38
C ALA A 16 -8.33 22.89 6.36
N SER A 17 -7.73 22.91 7.54
CA SER A 17 -6.31 22.68 7.71
C SER A 17 -6.08 21.54 8.68
N MET A 18 -4.85 21.06 8.71
CA MET A 18 -4.46 20.11 9.74
CA MET A 18 -4.44 20.00 9.63
C MET A 18 -2.95 20.14 9.91
N LYS A 19 -2.50 19.63 11.02
CA LYS A 19 -1.11 19.69 11.38
C LYS A 19 -0.71 18.31 11.81
N MET A 20 0.39 17.82 11.25
CA MET A 20 0.92 16.51 11.56
C MET A 20 2.28 16.71 12.19
N SER A 21 2.72 15.69 12.89
CA SER A 21 3.91 15.79 13.73
C SER A 21 4.87 14.66 13.43
N CYS A 22 6.13 14.92 13.79
CA CYS A 22 7.24 14.02 13.59
C CYS A 22 8.15 14.14 14.79
N LYS A 23 7.99 13.21 15.73
CA LYS A 23 8.74 13.14 16.96
C LYS A 23 10.05 12.40 16.73
N ALA A 24 11.17 13.09 16.93
CA ALA A 24 12.48 12.54 16.69
C ALA A 24 13.06 12.06 18.00
N SER A 25 13.82 10.98 17.95
CA SER A 25 14.56 10.50 19.13
C SER A 25 15.88 9.88 18.70
N GLY A 26 16.81 9.77 19.65
CA GLY A 26 18.08 9.07 19.45
C GLY A 26 19.23 9.84 18.83
N TYR A 27 19.04 11.13 18.61
CA TYR A 27 20.13 12.00 18.19
C TYR A 27 19.82 13.44 18.63
N THR A 28 20.83 14.30 18.54
CA THR A 28 20.67 15.72 18.88
C THR A 28 19.77 16.39 17.86
N PHE A 29 18.54 16.68 18.29
CA PHE A 29 17.49 17.23 17.45
C PHE A 29 17.95 18.43 16.62
N THR A 30 18.63 19.38 17.27
CA THR A 30 19.00 20.63 16.61
C THR A 30 20.17 20.48 15.62
N SER A 31 20.83 19.32 15.60
CA SER A 31 22.01 19.14 14.76
C SER A 31 21.67 18.70 13.34
N TYR A 32 20.40 18.41 13.06
CA TYR A 32 20.03 17.86 11.74
C TYR A 32 18.74 18.44 11.21
N ILE A 33 18.74 18.71 9.91
CA ILE A 33 17.54 19.15 9.19
C ILE A 33 16.61 17.98 9.00
N ILE A 34 15.33 18.27 9.04
CA ILE A 34 14.28 17.31 8.74
C ILE A 34 13.56 17.82 7.50
N HIS A 35 13.31 16.89 6.58
CA HIS A 35 12.63 17.19 5.33
C HIS A 35 11.23 16.59 5.37
N TRP A 36 10.34 17.17 4.57
CA TRP A 36 9.00 16.70 4.46
C TRP A 36 8.69 16.45 2.98
N LEU A 37 8.07 15.30 2.71
CA LEU A 37 7.78 14.84 1.32
C LEU A 37 6.39 14.29 1.23
N LYS A 38 5.83 14.37 0.03
CA LYS A 38 4.51 13.89 -0.33
C LYS A 38 4.64 12.76 -1.37
N GLN A 39 3.81 11.72 -1.20
CA GLN A 39 3.82 10.58 -2.12
C GLN A 39 2.39 10.11 -2.30
N LYS A 40 1.82 10.39 -3.45
CA LYS A 40 0.49 9.90 -3.78
C LYS A 40 0.63 8.43 -4.18
N PRO A 41 -0.44 7.64 -4.04
CA PRO A 41 -0.32 6.20 -4.33
C PRO A 41 0.12 5.94 -5.78
N GLY A 42 1.12 5.09 -5.94
CA GLY A 42 1.62 4.71 -7.26
C GLY A 42 2.72 5.61 -7.77
N GLN A 43 2.87 6.78 -7.16
CA GLN A 43 3.80 7.79 -7.65
C GLN A 43 5.04 7.86 -6.81
N GLY A 44 5.99 8.62 -7.31
CA GLY A 44 7.21 8.92 -6.60
C GLY A 44 7.03 10.05 -5.61
N LEU A 45 8.14 10.41 -5.00
CA LEU A 45 8.20 11.39 -3.94
C LEU A 45 8.28 12.79 -4.53
N GLU A 46 7.57 13.72 -3.88
CA GLU A 46 7.61 15.17 -4.18
C GLU A 46 8.03 15.90 -2.91
N TRP A 47 9.07 16.70 -2.97
CA TRP A 47 9.60 17.37 -1.80
C TRP A 47 8.78 18.64 -1.48
N ILE A 48 8.44 18.80 -0.21
CA ILE A 48 7.65 19.98 0.26
C ILE A 48 8.57 21.04 0.78
N GLY A 49 9.45 20.64 1.68
CA GLY A 49 10.32 21.60 2.37
C GLY A 49 11.14 20.97 3.45
N TYR A 50 11.95 21.77 4.12
CA TYR A 50 12.71 21.27 5.24
C TYR A 50 12.65 22.26 6.38
N ILE A 51 12.91 21.75 7.57
CA ILE A 51 13.01 22.56 8.80
C ILE A 51 14.44 22.39 9.36
N ASN A 52 15.06 23.49 9.76
CA ASN A 52 16.30 23.45 10.52
C ASN A 52 15.96 23.83 11.96
N PRO A 53 15.93 22.87 12.88
CA PRO A 53 15.48 23.22 14.23
C PRO A 53 16.49 24.03 15.03
N TYR A 54 17.74 24.12 14.53
CA TYR A 54 18.74 24.92 15.17
C TYR A 54 18.28 26.38 15.22
N ASN A 55 17.95 26.93 14.04
CA ASN A 55 17.61 28.35 13.95
C ASN A 55 16.18 28.61 13.55
N ASP A 56 15.37 27.55 13.56
CA ASP A 56 13.95 27.61 13.20
C ASP A 56 13.67 28.01 11.75
N GLY A 57 14.70 27.99 10.92
CA GLY A 57 14.54 28.31 9.51
C GLY A 57 13.96 27.13 8.74
N SER A 58 12.94 27.39 7.94
CA SER A 58 12.42 26.41 7.01
C SER A 58 12.52 26.92 5.58
N LYS A 59 12.56 25.99 4.62
CA LYS A 59 12.79 26.29 3.20
C LYS A 59 11.79 25.45 2.43
N TYR A 60 11.18 26.06 1.41
CA TYR A 60 10.05 25.47 0.73
C TYR A 60 10.29 25.28 -0.75
N ASN A 61 9.69 24.21 -1.28
CA ASN A 61 9.40 24.11 -2.70
C ASN A 61 8.45 25.24 -3.00
N GLU A 62 8.72 25.96 -4.09
CA GLU A 62 7.90 27.12 -4.51
C GLU A 62 6.42 26.81 -4.59
N LYS A 63 6.12 25.57 -4.98
CA LYS A 63 4.77 25.08 -5.14
C LYS A 63 3.98 25.02 -3.84
N PHE A 64 4.67 24.79 -2.73
CA PHE A 64 4.06 24.57 -1.45
C PHE A 64 4.25 25.73 -0.47
N LYS A 65 4.93 26.80 -0.88
CA LYS A 65 5.26 27.85 0.08
C LYS A 65 4.02 28.57 0.62
N GLY A 66 2.89 28.45 -0.08
CA GLY A 66 1.60 28.95 0.38
C GLY A 66 0.89 27.98 1.30
N LYS A 67 0.87 26.70 0.91
CA LYS A 67 0.06 25.68 1.53
C LYS A 67 0.64 25.09 2.82
N ALA A 68 1.97 25.05 2.89
CA ALA A 68 2.66 24.30 3.89
C ALA A 68 3.37 25.25 4.82
N THR A 69 3.39 24.90 6.10
CA THR A 69 4.20 25.64 7.09
C THR A 69 4.90 24.62 7.97
N LEU A 70 6.23 24.65 7.98
CA LEU A 70 7.04 23.74 8.78
C LEU A 70 7.52 24.44 10.05
N THR A 71 7.34 23.79 11.21
CA THR A 71 7.74 24.33 12.50
C THR A 71 8.42 23.24 13.29
N SER A 72 9.03 23.61 14.42
CA SER A 72 9.55 22.60 15.32
C SER A 72 9.57 23.11 16.73
N ASP A 73 9.56 22.17 17.66
N ASP A 73 9.45 22.19 17.69
CA ASP A 73 9.58 22.47 19.06
CA ASP A 73 9.53 22.50 19.11
C ASP A 73 10.77 21.71 19.63
C ASP A 73 10.74 21.74 19.66
N LYS A 74 11.79 22.48 19.98
CA LYS A 74 13.04 21.96 20.52
C LYS A 74 12.86 21.13 21.79
N SER A 75 11.97 21.60 22.66
CA SER A 75 11.79 20.98 23.97
C SER A 75 11.24 19.55 23.90
N SER A 76 10.44 19.26 22.89
CA SER A 76 9.83 17.95 22.71
C SER A 76 10.44 17.19 21.50
N SER A 77 11.51 17.72 20.89
CA SER A 77 12.13 17.29 19.63
C SER A 77 11.12 16.75 18.61
N THR A 78 10.14 17.61 18.36
CA THR A 78 9.06 17.33 17.44
C THR A 78 9.06 18.38 16.35
N ALA A 79 8.98 17.94 15.10
CA ALA A 79 8.75 18.80 13.95
C ALA A 79 7.30 18.66 13.56
N TYR A 80 6.74 19.70 12.94
CA TYR A 80 5.33 19.74 12.58
C TYR A 80 5.17 20.28 11.19
N MET A 81 4.21 19.74 10.46
CA MET A 81 3.82 20.31 9.15
C MET A 81 2.34 20.60 9.16
N GLU A 82 2.02 21.85 8.87
CA GLU A 82 0.65 22.29 8.69
C GLU A 82 0.39 22.46 7.21
N LEU A 83 -0.68 21.83 6.72
CA LEU A 83 -1.20 22.05 5.37
C LEU A 83 -2.56 22.73 5.44
N SER A 84 -2.75 23.80 4.68
CA SER A 84 -4.00 24.55 4.74
C SER A 84 -4.74 24.58 3.42
N SER A 85 -5.99 25.03 3.49
CA SER A 85 -6.91 25.10 2.34
C SER A 85 -6.92 23.76 1.60
N LEU A 86 -7.19 22.68 2.33
CA LEU A 86 -6.99 21.33 1.79
C LEU A 86 -8.03 20.99 0.73
N ALA A 87 -7.61 20.22 -0.27
CA ALA A 87 -8.50 19.71 -1.33
C ALA A 87 -8.16 18.24 -1.60
N SER A 88 -8.96 17.58 -2.47
CA SER A 88 -8.73 16.16 -2.87
C SER A 88 -7.28 15.83 -3.16
N GLU A 89 -6.63 16.72 -3.89
CA GLU A 89 -5.29 16.48 -4.43
C GLU A 89 -4.23 16.46 -3.36
N ASP A 90 -4.56 16.94 -2.17
CA ASP A 90 -3.66 16.83 -1.02
C ASP A 90 -3.66 15.44 -0.37
N SER A 91 -4.61 14.59 -0.75
CA SER A 91 -4.66 13.23 -0.24
C SER A 91 -3.41 12.48 -0.69
N ALA A 92 -2.66 11.93 0.26
CA ALA A 92 -1.35 11.37 0.02
C ALA A 92 -0.75 10.82 1.28
N VAL A 93 0.38 10.14 1.15
CA VAL A 93 1.20 9.80 2.29
C VAL A 93 2.28 10.89 2.43
N TYR A 94 2.48 11.37 3.64
CA TYR A 94 3.47 12.41 3.91
C TYR A 94 4.52 11.82 4.79
N TYR A 95 5.78 12.03 4.44
CA TYR A 95 6.90 11.52 5.21
C TYR A 95 7.74 12.68 5.79
N CYS A 96 8.28 12.48 7.00
CA CYS A 96 9.42 13.26 7.46
C CYS A 96 10.64 12.38 7.40
N THR A 97 11.80 12.97 7.19
CA THR A 97 13.03 12.19 7.11
C THR A 97 14.24 13.04 7.45
N ARG A 98 15.27 12.44 8.04
CA ARG A 98 16.44 13.21 8.46
C ARG A 98 17.49 13.40 7.34
N ASN A 99 18.02 14.61 7.25
CA ASN A 99 19.09 14.98 6.33
C ASN A 99 20.43 14.50 6.88
N TYR A 100 21.14 13.69 6.10
CA TYR A 100 22.41 13.13 6.53
C TYR A 100 23.52 13.56 5.57
N GLY A 101 24.61 12.77 5.48
CA GLY A 101 25.76 13.09 4.63
C GLY A 101 25.32 13.44 3.23
N SER A 102 25.83 14.57 2.73
CA SER A 102 25.54 15.02 1.37
C SER A 102 24.07 15.08 1.03
N ASP A 103 23.25 15.36 2.04
CA ASP A 103 21.83 15.50 1.91
C ASP A 103 21.11 14.26 1.42
N SER A 104 21.66 13.11 1.80
CA SER A 104 20.98 11.84 1.72
C SER A 104 19.97 11.83 2.86
N LEU A 105 18.91 11.05 2.68
CA LEU A 105 17.83 11.01 3.63
C LEU A 105 17.85 9.67 4.36
N ASP A 106 18.47 9.63 5.55
CA ASP A 106 18.90 8.35 6.16
C ASP A 106 17.89 7.66 7.07
N TYR A 107 17.02 8.40 7.73
CA TYR A 107 16.03 7.80 8.64
C TYR A 107 14.74 8.39 8.24
N TRP A 108 13.72 7.56 8.12
CA TRP A 108 12.43 8.00 7.70
C TRP A 108 11.39 7.69 8.75
N GLY A 109 10.41 8.59 8.89
CA GLY A 109 9.21 8.28 9.65
C GLY A 109 8.39 7.24 8.90
N GLN A 110 7.39 6.67 9.57
CA GLN A 110 6.54 5.63 8.96
C GLN A 110 5.50 6.16 7.95
N GLY A 111 5.37 7.48 7.85
CA GLY A 111 4.39 8.10 6.99
C GLY A 111 3.08 8.36 7.70
N THR A 112 2.47 9.49 7.33
CA THR A 112 1.14 9.88 7.78
C THR A 112 0.26 9.98 6.55
N THR A 113 -0.77 9.16 6.47
CA THR A 113 -1.70 9.18 5.35
C THR A 113 -2.79 10.22 5.62
N LEU A 114 -2.90 11.20 4.75
CA LEU A 114 -3.94 12.20 4.80
C LEU A 114 -5.00 11.91 3.77
N THR A 115 -6.26 11.92 4.20
CA THR A 115 -7.37 11.78 3.31
C THR A 115 -8.16 13.08 3.35
N VAL A 116 -8.32 13.74 2.20
CA VAL A 116 -9.16 14.92 2.09
C VAL A 116 -10.42 14.57 1.35
N SER A 117 -11.55 14.63 2.04
CA SER A 117 -12.81 14.24 1.45
C SER A 117 -13.97 14.84 2.26
N SER A 118 -15.09 15.08 1.58
CA SER A 118 -16.33 15.43 2.24
C SER A 118 -17.07 14.26 2.83
N ALA A 119 -16.63 13.03 2.53
CA ALA A 119 -17.37 11.84 2.92
C ALA A 119 -17.40 11.67 4.45
N LYS A 120 -18.51 11.11 4.94
CA LYS A 120 -18.76 10.77 6.35
C LYS A 120 -17.86 9.62 6.88
N THR A 121 -17.21 9.83 8.02
CA THR A 121 -16.61 8.72 8.77
C THR A 121 -17.69 7.67 9.11
N THR A 122 -17.43 6.41 8.74
CA THR A 122 -18.43 5.37 8.85
C THR A 122 -17.73 4.11 9.28
N PRO A 123 -18.20 3.45 10.37
CA PRO A 123 -17.59 2.17 10.80
C PRO A 123 -17.94 1.02 9.85
N PRO A 124 -17.12 -0.03 9.78
CA PRO A 124 -17.43 -1.15 8.88
C PRO A 124 -18.59 -2.03 9.34
N SER A 125 -19.32 -2.58 8.36
CA SER A 125 -20.11 -3.79 8.54
C SER A 125 -19.21 -4.99 8.21
N VAL A 126 -19.19 -5.99 9.09
CA VAL A 126 -18.30 -7.14 8.94
C VAL A 126 -19.13 -8.39 8.78
N TYR A 127 -18.87 -9.15 7.70
CA TYR A 127 -19.71 -10.31 7.40
C TYR A 127 -18.85 -11.55 7.28
N PRO A 128 -19.34 -12.65 7.88
CA PRO A 128 -18.59 -13.91 7.82
C PRO A 128 -18.68 -14.53 6.43
N LEU A 129 -17.59 -15.10 5.97
CA LEU A 129 -17.59 -15.86 4.69
C LEU A 129 -17.40 -17.33 5.01
N ALA A 130 -18.51 -18.08 4.97
CA ALA A 130 -18.55 -19.48 5.33
C ALA A 130 -18.95 -20.27 4.10
N PRO A 131 -18.33 -21.43 3.87
CA PRO A 131 -18.70 -22.31 2.75
C PRO A 131 -20.21 -22.52 2.53
N SER A 139 -9.51 -31.07 2.63
CA SER A 139 -8.72 -31.16 3.85
C SER A 139 -8.44 -29.76 4.41
N MET A 140 -7.85 -28.90 3.59
CA MET A 140 -7.72 -27.47 3.93
C MET A 140 -8.98 -26.73 3.51
N VAL A 141 -9.53 -25.91 4.40
CA VAL A 141 -10.74 -25.15 4.14
C VAL A 141 -10.44 -23.65 4.23
N THR A 142 -10.95 -22.88 3.29
CA THR A 142 -10.79 -21.43 3.27
C THR A 142 -12.04 -20.76 3.83
N LEU A 143 -11.83 -19.84 4.78
CA LEU A 143 -12.89 -19.02 5.36
C LEU A 143 -12.49 -17.59 5.06
N GLY A 144 -13.42 -16.66 5.25
CA GLY A 144 -13.01 -15.28 5.20
C GLY A 144 -13.96 -14.33 5.88
N CYS A 145 -13.68 -13.05 5.71
CA CYS A 145 -14.64 -12.05 6.15
C CYS A 145 -14.60 -10.81 5.26
N LEU A 146 -15.79 -10.29 5.04
CA LEU A 146 -16.05 -9.20 4.17
C LEU A 146 -16.27 -7.98 5.10
N VAL A 147 -15.45 -6.97 4.89
CA VAL A 147 -15.46 -5.76 5.67
C VAL A 147 -15.96 -4.66 4.73
N LYS A 148 -17.20 -4.24 4.91
CA LYS A 148 -17.90 -3.44 3.92
C LYS A 148 -18.41 -2.13 4.51
N GLY A 149 -18.49 -1.09 3.66
CA GLY A 149 -19.22 0.13 3.97
C GLY A 149 -18.57 1.04 4.98
N TYR A 150 -17.24 1.13 4.97
CA TYR A 150 -16.50 1.96 5.94
C TYR A 150 -15.72 3.10 5.27
N PHE A 151 -15.42 4.13 6.08
CA PHE A 151 -14.63 5.28 5.64
C PHE A 151 -14.08 5.98 6.88
N PRO A 152 -12.86 6.51 6.81
CA PRO A 152 -11.84 6.37 5.79
C PRO A 152 -11.07 5.07 6.02
N GLU A 153 -10.04 4.85 5.22
CA GLU A 153 -8.96 3.92 5.56
C GLU A 153 -8.14 4.42 6.77
N PRO A 154 -7.48 3.48 7.49
CA PRO A 154 -7.43 2.04 7.26
C PRO A 154 -8.32 1.21 8.20
N VAL A 155 -8.41 -0.07 7.87
CA VAL A 155 -8.94 -1.10 8.72
C VAL A 155 -7.79 -2.07 8.98
N THR A 156 -7.71 -2.68 10.17
CA THR A 156 -6.82 -3.84 10.37
C THR A 156 -7.69 -5.08 10.51
N VAL A 157 -7.24 -6.21 9.96
CA VAL A 157 -7.92 -7.48 10.14
C VAL A 157 -6.97 -8.43 10.79
N THR A 158 -7.45 -9.09 11.84
CA THR A 158 -6.75 -10.09 12.60
C THR A 158 -7.64 -11.33 12.74
N TRP A 159 -7.04 -12.50 12.62
CA TRP A 159 -7.76 -13.76 12.76
C TRP A 159 -7.41 -14.43 14.08
N ASN A 160 -8.43 -14.82 14.85
CA ASN A 160 -8.25 -15.47 16.14
C ASN A 160 -7.30 -14.70 17.10
N VAL A 168 -3.18 -16.64 5.47
CA VAL A 168 -3.96 -15.41 5.53
C VAL A 168 -3.62 -14.48 4.37
N HIS A 169 -4.64 -14.06 3.64
CA HIS A 169 -4.49 -13.01 2.63
C HIS A 169 -5.47 -11.90 2.99
N THR A 170 -4.96 -10.71 3.20
CA THR A 170 -5.82 -9.56 3.43
C THR A 170 -5.61 -8.63 2.27
N PHE A 171 -6.70 -8.30 1.61
CA PHE A 171 -6.68 -7.60 0.35
C PHE A 171 -6.77 -6.08 0.53
N PRO A 172 -6.07 -5.32 -0.32
CA PRO A 172 -6.20 -3.88 -0.25
C PRO A 172 -7.66 -3.45 -0.45
N ALA A 173 -8.07 -2.39 0.24
CA ALA A 173 -9.45 -1.91 0.18
C ALA A 173 -9.71 -1.29 -1.18
N VAL A 174 -10.96 -1.36 -1.63
CA VAL A 174 -11.41 -0.68 -2.85
C VAL A 174 -12.52 0.33 -2.51
N LEU A 175 -12.37 1.56 -2.99
CA LEU A 175 -13.36 2.65 -2.72
C LEU A 175 -14.42 2.68 -3.80
N GLN A 176 -15.68 2.69 -3.39
CA GLN A 176 -16.77 2.93 -4.31
C GLN A 176 -17.85 3.78 -3.64
N SER A 177 -18.28 4.85 -4.28
CA SER A 177 -19.30 5.77 -3.70
C SER A 177 -18.95 6.13 -2.26
N ASP A 178 -17.71 6.56 -2.07
CA ASP A 178 -17.18 6.98 -0.74
C ASP A 178 -17.23 5.95 0.40
N LEU A 179 -17.29 4.67 0.07
CA LEU A 179 -17.22 3.62 1.06
C LEU A 179 -16.25 2.56 0.55
N TYR A 180 -15.46 2.02 1.46
CA TYR A 180 -14.45 1.03 1.16
C TYR A 180 -15.00 -0.37 1.39
N THR A 181 -14.49 -1.29 0.58
CA THR A 181 -14.74 -2.71 0.73
C THR A 181 -13.38 -3.35 0.81
N LEU A 182 -13.24 -4.21 1.80
CA LEU A 182 -12.02 -4.99 1.98
C LEU A 182 -12.45 -6.41 2.34
N SER A 183 -11.62 -7.40 2.01
CA SER A 183 -11.84 -8.77 2.45
C SER A 183 -10.55 -9.38 2.92
N SER A 184 -10.68 -10.49 3.65
CA SER A 184 -9.54 -11.23 4.16
C SER A 184 -9.94 -12.69 4.16
N SER A 185 -9.02 -13.55 3.72
CA SER A 185 -9.25 -14.98 3.61
C SER A 185 -8.29 -15.70 4.55
N VAL A 186 -8.78 -16.76 5.19
CA VAL A 186 -7.92 -17.63 6.01
C VAL A 186 -8.13 -19.11 5.64
N THR A 187 -7.02 -19.84 5.56
CA THR A 187 -7.02 -21.26 5.18
C THR A 187 -6.58 -22.13 6.36
N VAL A 188 -7.54 -22.86 6.95
CA VAL A 188 -7.30 -23.78 8.10
C VAL A 188 -7.61 -25.24 7.68
N PRO A 189 -7.26 -26.24 8.52
CA PRO A 189 -7.69 -27.63 8.20
C PRO A 189 -9.14 -27.93 8.59
N SER A 190 -9.75 -28.89 7.89
CA SER A 190 -11.17 -29.27 8.08
C SER A 190 -11.59 -29.59 9.52
N SER A 191 -10.71 -30.28 10.24
CA SER A 191 -10.93 -30.66 11.65
C SER A 191 -11.03 -29.47 12.64
N THR A 192 -10.54 -28.29 12.22
CA THR A 192 -10.63 -27.07 13.01
C THR A 192 -12.04 -26.47 12.98
N TRP A 193 -12.52 -26.19 11.76
CA TRP A 193 -13.81 -25.51 11.58
C TRP A 193 -14.80 -26.54 11.00
N PRO A 194 -16.06 -26.55 11.48
CA PRO A 194 -16.73 -25.65 12.43
C PRO A 194 -16.70 -26.07 13.92
N SER A 195 -16.03 -27.17 14.27
CA SER A 195 -15.95 -27.64 15.68
C SER A 195 -15.40 -26.56 16.63
N GLU A 196 -14.40 -25.80 16.16
CA GLU A 196 -13.83 -24.68 16.90
C GLU A 196 -14.48 -23.35 16.49
N THR A 197 -14.36 -22.35 17.35
CA THR A 197 -14.76 -20.99 17.00
C THR A 197 -13.63 -20.39 16.11
N VAL A 198 -14.02 -19.81 14.97
CA VAL A 198 -13.10 -18.99 14.17
C VAL A 198 -13.73 -17.61 14.06
N THR A 199 -12.89 -16.59 14.32
CA THR A 199 -13.37 -15.22 14.44
C THR A 199 -12.37 -14.26 13.76
N CYS A 200 -12.90 -13.37 12.93
CA CYS A 200 -12.06 -12.32 12.36
C CYS A 200 -12.33 -11.04 13.16
N ASN A 201 -11.25 -10.36 13.49
CA ASN A 201 -11.27 -9.21 14.37
C ASN A 201 -10.89 -7.99 13.55
N VAL A 202 -11.84 -7.07 13.37
CA VAL A 202 -11.65 -5.91 12.50
C VAL A 202 -11.54 -4.66 13.41
N ALA A 203 -10.52 -3.84 13.19
CA ALA A 203 -10.42 -2.54 13.87
C ALA A 203 -10.47 -1.43 12.84
N HIS A 204 -11.27 -0.41 13.12
CA HIS A 204 -11.37 0.80 12.30
C HIS A 204 -11.04 1.98 13.22
N PRO A 205 -9.76 2.30 13.36
CA PRO A 205 -9.41 3.36 14.33
C PRO A 205 -10.06 4.73 14.12
N ALA A 206 -10.33 5.13 12.87
CA ALA A 206 -10.97 6.43 12.62
C ALA A 206 -12.34 6.61 13.27
N SER A 207 -13.12 5.52 13.38
CA SER A 207 -14.41 5.56 14.10
C SER A 207 -14.28 5.03 15.53
N SER A 208 -13.05 4.66 15.95
CA SER A 208 -12.81 4.05 17.25
C SER A 208 -13.77 2.83 17.45
N THR A 209 -13.85 1.97 16.44
CA THR A 209 -14.69 0.79 16.53
C THR A 209 -13.88 -0.48 16.27
N LYS A 210 -14.39 -1.58 16.79
CA LYS A 210 -13.90 -2.90 16.42
C LYS A 210 -15.09 -3.82 16.22
N VAL A 211 -14.84 -4.95 15.55
CA VAL A 211 -15.85 -6.00 15.38
C VAL A 211 -15.19 -7.38 15.59
N ASP A 212 -15.82 -8.21 16.41
CA ASP A 212 -15.42 -9.59 16.69
C ASP A 212 -16.43 -10.55 16.02
N LYS A 213 -16.19 -10.88 14.75
CA LYS A 213 -17.18 -11.61 13.95
C LYS A 213 -16.88 -13.10 13.93
N LYS A 214 -17.81 -13.89 14.49
CA LYS A 214 -17.70 -15.34 14.48
C LYS A 214 -18.08 -15.86 13.09
N ILE A 215 -17.23 -16.76 12.58
CA ILE A 215 -17.48 -17.44 11.31
C ILE A 215 -18.43 -18.63 11.58
N VAL A 216 -19.70 -18.39 11.29
CA VAL A 216 -20.80 -19.33 11.57
C VAL A 216 -21.14 -20.08 10.27
N PRO A 217 -21.31 -21.43 10.35
CA PRO A 217 -21.83 -22.14 9.16
C PRO A 217 -23.27 -21.76 8.77
N ARG A 218 -23.63 -22.02 7.53
CA ARG A 218 -24.92 -21.60 6.98
C ARG A 218 -26.03 -22.59 7.32
N ASP A 219 -27.28 -22.12 7.26
CA ASP A 219 -28.51 -22.89 7.61
C ASP A 219 -28.57 -23.22 9.10
N ASP B 1 13.78 22.30 -10.27
CA ASP B 1 13.19 20.95 -10.13
C ASP B 1 13.71 20.11 -11.32
N ILE B 2 14.92 19.59 -11.14
CA ILE B 2 15.63 18.87 -12.19
C ILE B 2 14.87 17.57 -12.46
N VAL B 3 14.47 17.35 -13.70
CA VAL B 3 13.77 16.12 -14.05
C VAL B 3 14.72 14.90 -14.04
N LEU B 4 14.29 13.85 -13.36
CA LEU B 4 14.98 12.57 -13.30
C LEU B 4 14.10 11.48 -13.92
N THR B 5 14.65 10.75 -14.88
CA THR B 5 13.87 9.81 -15.67
C THR B 5 14.51 8.45 -15.42
N GLN B 6 13.75 7.55 -14.82
CA GLN B 6 14.21 6.21 -14.48
C GLN B 6 13.74 5.22 -15.52
N THR B 7 14.63 4.32 -15.94
CA THR B 7 14.24 3.23 -16.84
C THR B 7 14.93 1.94 -16.44
N PRO B 8 14.24 0.80 -16.60
CA PRO B 8 12.82 0.67 -16.99
C PRO B 8 11.87 1.06 -15.85
N ALA B 9 10.68 1.50 -16.21
CA ALA B 9 9.65 1.82 -15.23
C ALA B 9 9.23 0.56 -14.46
N ILE B 10 9.07 -0.54 -15.18
CA ILE B 10 8.73 -1.84 -14.59
C ILE B 10 9.61 -2.89 -15.25
N MET B 11 10.04 -3.85 -14.46
CA MET B 11 10.80 -5.01 -14.94
C MET B 11 10.69 -6.18 -13.95
N SER B 12 10.89 -7.39 -14.47
CA SER B 12 10.87 -8.62 -13.69
C SER B 12 12.23 -9.32 -13.80
N ALA B 13 12.55 -10.12 -12.79
CA ALA B 13 13.80 -10.85 -12.79
C ALA B 13 13.65 -12.13 -11.98
N SER B 14 14.20 -13.22 -12.49
CA SER B 14 14.27 -14.51 -11.80
C SER B 14 15.37 -14.48 -10.77
N LEU B 15 15.31 -15.40 -9.80
CA LEU B 15 16.36 -15.48 -8.78
C LEU B 15 17.66 -15.73 -9.49
N GLY B 16 18.70 -14.99 -9.14
CA GLY B 16 20.02 -15.14 -9.77
C GLY B 16 20.33 -14.21 -10.94
N GLU B 17 19.31 -13.53 -11.48
CA GLU B 17 19.52 -12.66 -12.63
C GLU B 17 20.21 -11.38 -12.19
N ARG B 18 21.16 -10.91 -12.99
CA ARG B 18 21.74 -9.58 -12.86
C ARG B 18 20.73 -8.55 -13.33
N VAL B 19 20.60 -7.47 -12.57
CA VAL B 19 19.65 -6.40 -12.88
C VAL B 19 20.42 -5.08 -12.86
N THR B 20 20.24 -4.27 -13.90
CA THR B 20 20.69 -2.87 -13.89
C THR B 20 19.56 -1.91 -14.26
N MET B 21 19.44 -0.84 -13.51
CA MET B 21 18.42 0.18 -13.74
C MET B 21 19.10 1.54 -13.77
N THR B 22 18.56 2.44 -14.59
CA THR B 22 19.19 3.72 -14.89
CA THR B 22 19.20 3.71 -14.90
C THR B 22 18.34 4.91 -14.49
N CYS B 23 19.01 5.99 -14.16
CA CYS B 23 18.36 7.25 -13.84
C CYS B 23 19.09 8.31 -14.63
N THR B 24 18.34 8.99 -15.51
CA THR B 24 18.89 10.00 -16.41
C THR B 24 18.39 11.39 -15.94
N ALA B 25 19.29 12.36 -15.85
CA ALA B 25 18.93 13.72 -15.42
C ALA B 25 18.90 14.71 -16.58
N ASN B 26 17.98 15.69 -16.50
CA ASN B 26 17.92 16.73 -17.54
C ASN B 26 19.02 17.74 -17.42
N SER B 27 19.71 17.78 -16.29
CA SER B 27 20.85 18.65 -16.07
C SER B 27 21.93 17.86 -15.34
N SER B 28 23.18 18.33 -15.40
CA SER B 28 24.26 17.65 -14.66
C SER B 28 24.03 17.77 -13.17
N VAL B 29 24.39 16.70 -12.45
CA VAL B 29 24.27 16.64 -11.00
C VAL B 29 25.55 16.04 -10.42
N SER B 30 26.09 16.71 -9.41
CA SER B 30 27.23 16.17 -8.68
C SER B 30 26.93 14.76 -8.11
N SER B 31 27.89 13.85 -8.32
CA SER B 31 27.80 12.48 -7.83
C SER B 31 27.71 12.38 -6.32
N ASN B 32 28.32 13.33 -5.61
CA ASN B 32 28.19 13.37 -4.13
C ASN B 32 26.76 13.54 -3.62
N TYR B 33 25.92 14.21 -4.40
CA TYR B 33 24.54 14.52 -4.03
C TYR B 33 23.53 13.74 -4.90
N PHE B 34 23.90 12.51 -5.28
CA PHE B 34 23.02 11.58 -5.98
C PHE B 34 22.86 10.31 -5.12
N HIS B 35 21.63 9.95 -4.83
CA HIS B 35 21.33 8.88 -3.89
C HIS B 35 20.21 8.01 -4.44
N TRP B 36 20.11 6.78 -3.90
CA TRP B 36 19.06 5.83 -4.24
C TRP B 36 18.32 5.33 -2.99
N TYR B 37 17.01 5.10 -3.15
CA TYR B 37 16.15 4.55 -2.13
C TYR B 37 15.43 3.31 -2.63
N GLN B 38 15.11 2.40 -1.71
CA GLN B 38 14.25 1.23 -1.92
C GLN B 38 12.96 1.44 -1.15
N GLN B 39 11.84 1.16 -1.77
CA GLN B 39 10.57 1.17 -1.06
C GLN B 39 9.75 -0.06 -1.38
N LYS B 40 9.29 -0.73 -0.33
CA LYS B 40 8.31 -1.79 -0.45
C LYS B 40 6.91 -1.27 -0.13
N PRO B 41 5.87 -1.91 -0.71
CA PRO B 41 4.46 -1.50 -0.48
C PRO B 41 4.08 -1.35 0.99
N GLY B 42 3.40 -0.25 1.30
CA GLY B 42 2.92 0.02 2.64
C GLY B 42 4.00 0.43 3.64
N SER B 43 5.24 0.59 3.20
CA SER B 43 6.30 1.00 4.10
C SER B 43 7.08 2.17 3.50
N SER B 44 7.92 2.78 4.34
CA SER B 44 8.63 3.99 3.99
C SER B 44 9.82 3.66 3.16
N PRO B 45 10.29 4.61 2.35
CA PRO B 45 11.56 4.41 1.67
C PRO B 45 12.68 4.21 2.66
N LYS B 46 13.72 3.47 2.29
CA LYS B 46 14.94 3.39 3.07
C LYS B 46 16.07 3.86 2.18
N LEU B 47 17.05 4.53 2.76
CA LEU B 47 18.25 4.89 2.01
C LEU B 47 18.97 3.62 1.60
N TRP B 48 19.37 3.56 0.34
CA TRP B 48 19.95 2.34 -0.21
C TRP B 48 21.39 2.56 -0.63
N ILE B 49 21.59 3.57 -1.47
CA ILE B 49 22.93 3.98 -1.89
C ILE B 49 23.02 5.50 -1.74
N TYR B 50 24.13 5.97 -1.19
CA TYR B 50 24.35 7.40 -1.05
C TYR B 50 25.64 7.83 -1.74
N SER B 51 25.62 9.04 -2.29
CA SER B 51 26.73 9.61 -3.00
C SER B 51 27.19 8.63 -4.09
N THR B 52 26.23 8.25 -4.91
CA THR B 52 26.43 7.47 -6.13
C THR B 52 26.75 5.99 -5.88
N SER B 53 27.72 5.70 -5.02
CA SER B 53 28.23 4.34 -4.91
C SER B 53 28.47 3.78 -3.49
N ASN B 54 28.08 4.47 -2.43
CA ASN B 54 28.25 3.95 -1.05
C ASN B 54 26.98 3.27 -0.55
N LEU B 55 27.10 2.01 -0.15
CA LEU B 55 25.95 1.26 0.34
C LEU B 55 25.56 1.75 1.73
N ALA B 56 24.26 1.98 1.92
CA ALA B 56 23.74 2.33 3.23
C ALA B 56 23.88 1.14 4.18
N SER B 57 23.81 1.39 5.48
CA SER B 57 24.01 0.32 6.48
C SER B 57 22.96 -0.77 6.31
N GLY B 58 23.41 -2.02 6.37
CA GLY B 58 22.54 -3.16 6.16
C GLY B 58 22.22 -3.53 4.72
N VAL B 59 22.61 -2.72 3.73
CA VAL B 59 22.35 -3.05 2.31
C VAL B 59 23.36 -4.11 1.84
N PRO B 60 22.87 -5.26 1.31
CA PRO B 60 23.81 -6.34 0.96
C PRO B 60 24.72 -5.95 -0.20
N THR B 61 25.91 -6.56 -0.24
CA THR B 61 26.96 -6.18 -1.21
C THR B 61 26.65 -6.57 -2.66
N ARG B 62 25.60 -7.36 -2.89
CA ARG B 62 25.12 -7.60 -4.25
C ARG B 62 24.58 -6.31 -4.92
N PHE B 63 24.31 -5.28 -4.13
CA PHE B 63 24.00 -3.97 -4.70
C PHE B 63 25.27 -3.18 -4.96
N SER B 64 25.22 -2.41 -6.04
CA SER B 64 26.23 -1.41 -6.31
C SER B 64 25.58 -0.24 -7.06
N GLY B 65 26.24 0.90 -7.02
CA GLY B 65 25.77 2.07 -7.75
C GLY B 65 26.89 2.77 -8.49
N SER B 66 26.53 3.43 -9.56
CA SER B 66 27.51 4.02 -10.43
C SER B 66 26.98 5.21 -11.15
N GLY B 67 27.89 6.09 -11.59
CA GLY B 67 27.54 7.15 -12.52
C GLY B 67 28.23 8.49 -12.25
N SER B 68 27.94 9.41 -13.17
CA SER B 68 28.34 10.80 -13.03
C SER B 68 27.58 11.64 -14.05
N GLY B 69 27.72 12.96 -13.95
CA GLY B 69 27.12 13.89 -14.90
C GLY B 69 25.62 13.79 -14.91
N THR B 70 25.06 13.18 -15.96
CA THR B 70 23.62 13.04 -16.13
C THR B 70 23.11 11.58 -16.15
N SER B 71 23.99 10.60 -15.96
CA SER B 71 23.62 9.18 -16.14
C SER B 71 24.08 8.39 -14.95
N TYR B 72 23.14 7.77 -14.27
CA TYR B 72 23.43 7.03 -13.04
C TYR B 72 22.73 5.69 -13.15
N SER B 73 23.28 4.70 -12.44
CA SER B 73 22.68 3.40 -12.41
C SER B 73 22.84 2.70 -11.07
N LEU B 74 21.93 1.79 -10.79
CA LEU B 74 22.01 0.89 -9.65
C LEU B 74 22.04 -0.51 -10.23
N THR B 75 22.95 -1.33 -9.71
CA THR B 75 23.13 -2.67 -10.21
C THR B 75 22.96 -3.68 -9.07
N LEU B 76 22.23 -4.76 -9.40
CA LEU B 76 21.97 -5.91 -8.51
C LEU B 76 22.65 -7.11 -9.17
N SER B 77 23.68 -7.65 -8.53
CA SER B 77 24.49 -8.69 -9.19
C SER B 77 23.71 -10.02 -9.32
N SER B 78 22.88 -10.34 -8.33
CA SER B 78 22.11 -11.57 -8.30
C SER B 78 20.78 -11.37 -7.57
N MET B 79 19.66 -11.51 -8.28
CA MET B 79 18.35 -11.15 -7.75
C MET B 79 17.91 -12.14 -6.69
N GLU B 80 17.45 -11.64 -5.54
CA GLU B 80 16.78 -12.47 -4.54
C GLU B 80 15.37 -11.91 -4.32
N ALA B 81 14.50 -12.71 -3.74
CA ALA B 81 13.08 -12.30 -3.56
C ALA B 81 12.90 -11.06 -2.66
N GLU B 82 13.75 -10.93 -1.64
CA GLU B 82 13.69 -9.75 -0.77
C GLU B 82 14.02 -8.44 -1.50
N ASP B 83 14.69 -8.52 -2.66
CA ASP B 83 14.98 -7.37 -3.52
C ASP B 83 13.82 -6.82 -4.35
N ALA B 84 12.73 -7.55 -4.50
CA ALA B 84 11.57 -7.01 -5.21
C ALA B 84 11.05 -5.77 -4.47
N ALA B 85 11.08 -4.62 -5.15
CA ALA B 85 10.71 -3.34 -4.57
C ALA B 85 10.71 -2.28 -5.66
N THR B 86 10.32 -1.05 -5.30
CA THR B 86 10.51 0.08 -6.18
C THR B 86 11.77 0.80 -5.73
N TYR B 87 12.63 1.13 -6.69
CA TYR B 87 13.87 1.86 -6.42
C TYR B 87 13.74 3.27 -7.01
N TYR B 88 14.11 4.28 -6.21
CA TYR B 88 14.00 5.68 -6.61
C TYR B 88 15.35 6.34 -6.53
N CYS B 89 15.65 7.15 -7.54
CA CYS B 89 16.86 7.96 -7.55
C CYS B 89 16.51 9.33 -6.96
N HIS B 90 17.52 10.07 -6.55
CA HIS B 90 17.35 11.34 -5.85
C HIS B 90 18.56 12.20 -6.17
N GLN B 91 18.31 13.44 -6.59
CA GLN B 91 19.38 14.44 -6.74
C GLN B 91 19.18 15.55 -5.74
N TYR B 92 20.25 15.99 -5.07
CA TYR B 92 20.24 17.22 -4.28
C TYR B 92 21.38 18.17 -4.68
N HIS B 93 21.59 18.27 -6.00
CA HIS B 93 22.50 19.23 -6.58
C HIS B 93 21.86 20.60 -6.53
N ARG B 94 20.54 20.66 -6.70
CA ARG B 94 19.82 21.94 -6.65
C ARG B 94 18.57 21.79 -5.79
N SER B 95 18.17 22.89 -5.14
CA SER B 95 16.85 22.95 -4.52
C SER B 95 15.84 23.42 -5.58
N PRO B 96 14.62 22.85 -5.61
CA PRO B 96 14.08 21.77 -4.80
C PRO B 96 14.74 20.44 -5.16
N PRO B 97 15.11 19.62 -4.15
CA PRO B 97 15.57 18.28 -4.50
C PRO B 97 14.44 17.51 -5.22
N THR B 98 14.81 16.66 -6.15
CA THR B 98 13.84 15.88 -6.91
C THR B 98 14.21 14.41 -6.91
N PHE B 99 13.23 13.61 -7.30
CA PHE B 99 13.31 12.16 -7.23
C PHE B 99 12.73 11.60 -8.52
N GLY B 100 13.12 10.38 -8.86
CA GLY B 100 12.59 9.74 -10.07
C GLY B 100 11.22 9.14 -9.78
N SER B 101 10.49 8.77 -10.85
CA SER B 101 9.20 8.09 -10.71
C SER B 101 9.34 6.59 -10.51
N GLY B 102 10.56 6.09 -10.43
CA GLY B 102 10.81 4.76 -9.88
C GLY B 102 10.97 3.69 -10.96
N THR B 103 11.78 2.68 -10.62
CA THR B 103 11.83 1.41 -11.32
C THR B 103 11.24 0.37 -10.39
N LYS B 104 10.13 -0.26 -10.80
CA LYS B 104 9.51 -1.30 -9.99
C LYS B 104 10.09 -2.63 -10.41
N LEU B 105 10.86 -3.24 -9.51
CA LEU B 105 11.54 -4.50 -9.75
C LEU B 105 10.71 -5.60 -9.11
N LYS B 106 10.19 -6.48 -9.95
CA LYS B 106 9.40 -7.63 -9.48
C LYS B 106 10.16 -8.95 -9.62
N MET B 107 9.66 -9.96 -8.92
CA MET B 107 10.22 -11.29 -8.98
C MET B 107 9.48 -12.12 -10.04
N LYS B 108 10.24 -12.74 -10.95
CA LYS B 108 9.69 -13.75 -11.86
C LYS B 108 9.84 -15.12 -11.19
N ARG B 109 8.87 -15.98 -11.41
CA ARG B 109 8.84 -17.30 -10.80
C ARG B 109 8.02 -18.23 -11.69
N ALA B 110 7.97 -19.51 -11.35
CA ALA B 110 7.22 -20.48 -12.15
C ALA B 110 5.73 -20.19 -12.12
N ASP B 111 5.04 -20.48 -13.22
CA ASP B 111 3.59 -20.30 -13.25
C ASP B 111 2.94 -21.10 -12.12
N ALA B 112 1.82 -20.61 -11.60
CA ALA B 112 1.07 -21.32 -10.57
C ALA B 112 -0.39 -21.00 -10.74
N ALA B 113 -1.25 -22.03 -10.68
CA ALA B 113 -2.69 -21.87 -10.82
C ALA B 113 -3.30 -21.34 -9.51
N PRO B 114 -4.35 -20.51 -9.61
CA PRO B 114 -5.06 -20.04 -8.43
C PRO B 114 -5.88 -21.13 -7.75
N THR B 115 -5.95 -21.06 -6.43
CA THR B 115 -6.86 -21.87 -5.63
C THR B 115 -8.14 -21.01 -5.46
N VAL B 116 -9.28 -21.47 -5.96
CA VAL B 116 -10.50 -20.66 -5.99
C VAL B 116 -11.51 -21.08 -4.94
N SER B 117 -12.07 -20.11 -4.21
CA SER B 117 -13.10 -20.35 -3.19
C SER B 117 -14.23 -19.35 -3.36
N ILE B 118 -15.48 -19.82 -3.31
CA ILE B 118 -16.65 -18.94 -3.46
C ILE B 118 -17.48 -18.92 -2.18
N PHE B 119 -18.06 -17.76 -1.85
CA PHE B 119 -18.80 -17.60 -0.60
C PHE B 119 -20.11 -16.86 -0.84
N PRO B 120 -21.23 -17.39 -0.33
CA PRO B 120 -22.50 -16.71 -0.49
C PRO B 120 -22.62 -15.53 0.47
N PRO B 121 -23.64 -14.69 0.26
CA PRO B 121 -23.98 -13.66 1.25
C PRO B 121 -24.28 -14.27 2.60
N SER B 122 -23.79 -13.63 3.65
CA SER B 122 -24.15 -13.99 5.04
C SER B 122 -25.58 -13.57 5.32
N SER B 123 -26.26 -14.27 6.24
CA SER B 123 -27.63 -13.88 6.55
C SER B 123 -27.63 -12.55 7.26
N GLU B 124 -26.53 -12.21 7.95
CA GLU B 124 -26.39 -10.88 8.57
CA GLU B 124 -26.44 -10.87 8.58
C GLU B 124 -26.53 -9.80 7.50
N GLN B 125 -25.75 -9.93 6.43
CA GLN B 125 -25.79 -8.95 5.36
C GLN B 125 -27.15 -8.89 4.73
N LEU B 126 -27.71 -10.05 4.43
CA LEU B 126 -29.07 -10.15 3.89
C LEU B 126 -30.11 -9.45 4.76
N THR B 127 -29.97 -9.55 6.08
CA THR B 127 -30.87 -8.87 7.01
C THR B 127 -30.99 -7.38 6.68
N SER B 128 -29.87 -6.75 6.29
CA SER B 128 -29.85 -5.31 5.96
C SER B 128 -30.16 -4.95 4.49
N GLY B 129 -30.62 -5.92 3.68
CA GLY B 129 -31.00 -5.66 2.28
C GLY B 129 -29.91 -5.73 1.22
N GLY B 130 -28.67 -6.07 1.61
CA GLY B 130 -27.57 -6.24 0.65
C GLY B 130 -27.20 -7.69 0.47
N ALA B 131 -26.50 -7.98 -0.62
CA ALA B 131 -26.05 -9.33 -0.90
C ALA B 131 -24.76 -9.33 -1.71
N SER B 132 -23.66 -9.70 -1.06
CA SER B 132 -22.38 -9.74 -1.70
C SER B 132 -21.93 -11.21 -1.81
N VAL B 133 -21.48 -11.60 -3.01
CA VAL B 133 -20.88 -12.91 -3.24
C VAL B 133 -19.40 -12.65 -3.39
N VAL B 134 -18.56 -13.46 -2.73
CA VAL B 134 -17.14 -13.22 -2.71
C VAL B 134 -16.43 -14.44 -3.30
N CYS B 135 -15.41 -14.16 -4.08
CA CYS B 135 -14.53 -15.16 -4.65
C CYS B 135 -13.07 -14.80 -4.37
N PHE B 136 -12.34 -15.71 -3.76
CA PHE B 136 -10.90 -15.58 -3.60
C PHE B 136 -10.13 -16.45 -4.58
N LEU B 137 -9.08 -15.87 -5.14
CA LEU B 137 -8.23 -16.53 -6.12
C LEU B 137 -6.82 -16.41 -5.61
N ASN B 138 -6.35 -17.47 -4.94
CA ASN B 138 -5.18 -17.36 -4.08
C ASN B 138 -3.93 -18.03 -4.63
N ASN B 139 -2.79 -17.34 -4.46
CA ASN B 139 -1.44 -17.84 -4.78
C ASN B 139 -1.27 -18.32 -6.22
N PHE B 140 -1.46 -17.39 -7.15
CA PHE B 140 -1.23 -17.63 -8.57
C PHE B 140 -0.14 -16.73 -9.18
N TYR B 141 0.43 -17.19 -10.29
CA TYR B 141 1.41 -16.44 -11.05
C TYR B 141 1.35 -16.92 -12.51
N PRO B 142 1.44 -16.00 -13.50
CA PRO B 142 1.62 -14.55 -13.41
C PRO B 142 0.39 -13.79 -12.96
N LYS B 143 0.56 -12.48 -12.77
CA LYS B 143 -0.51 -11.59 -12.28
C LYS B 143 -1.76 -11.54 -13.14
N ASP B 144 -1.59 -11.69 -14.45
CA ASP B 144 -2.68 -11.60 -15.43
C ASP B 144 -3.75 -12.67 -15.19
N ILE B 145 -4.97 -12.23 -14.96
CA ILE B 145 -6.05 -13.13 -14.66
C ILE B 145 -7.38 -12.45 -14.94
N ASN B 146 -8.32 -13.23 -15.44
CA ASN B 146 -9.64 -12.73 -15.79
C ASN B 146 -10.68 -13.50 -14.96
N VAL B 147 -11.32 -12.80 -14.04
CA VAL B 147 -12.40 -13.35 -13.26
C VAL B 147 -13.69 -12.95 -13.94
N LYS B 148 -14.58 -13.92 -14.10
CA LYS B 148 -15.90 -13.67 -14.63
C LYS B 148 -16.91 -14.16 -13.62
N TRP B 149 -18.00 -13.43 -13.45
CA TRP B 149 -19.11 -13.85 -12.62
C TRP B 149 -20.28 -14.25 -13.49
N LYS B 150 -20.91 -15.38 -13.15
CA LYS B 150 -22.15 -15.80 -13.84
C LYS B 150 -23.27 -16.06 -12.85
N ILE B 151 -24.46 -15.61 -13.21
CA ILE B 151 -25.67 -15.78 -12.43
C ILE B 151 -26.57 -16.64 -13.28
N ASP B 152 -26.94 -17.82 -12.79
CA ASP B 152 -27.70 -18.81 -13.57
C ASP B 152 -27.13 -18.97 -14.99
N GLY B 153 -25.80 -19.02 -15.06
CA GLY B 153 -25.07 -19.15 -16.32
C GLY B 153 -24.95 -17.90 -17.21
N SER B 154 -25.43 -16.74 -16.77
CA SER B 154 -25.38 -15.51 -17.58
C SER B 154 -24.39 -14.51 -16.95
N GLU B 155 -23.49 -13.94 -17.76
CA GLU B 155 -22.42 -13.07 -17.24
C GLU B 155 -22.96 -11.82 -16.57
N ARG B 156 -22.39 -11.47 -15.43
CA ARG B 156 -22.66 -10.22 -14.72
C ARG B 156 -21.34 -9.43 -14.62
N GLN B 157 -21.34 -8.20 -15.12
CA GLN B 157 -20.16 -7.32 -15.10
C GLN B 157 -20.25 -6.17 -14.12
N ASN B 158 -21.47 -5.70 -13.85
CA ASN B 158 -21.71 -4.60 -12.93
C ASN B 158 -21.78 -5.03 -11.48
N GLY B 159 -21.16 -4.23 -10.62
CA GLY B 159 -21.17 -4.44 -9.17
C GLY B 159 -20.07 -5.35 -8.70
N VAL B 160 -18.96 -5.41 -9.44
CA VAL B 160 -17.84 -6.28 -9.13
C VAL B 160 -16.63 -5.43 -8.72
N LEU B 161 -16.09 -5.66 -7.51
CA LEU B 161 -14.87 -5.00 -7.02
C LEU B 161 -13.79 -6.05 -6.86
N ASN B 162 -12.66 -5.80 -7.51
CA ASN B 162 -11.55 -6.73 -7.55
C ASN B 162 -10.36 -6.05 -6.90
N SER B 163 -9.61 -6.81 -6.10
CA SER B 163 -8.44 -6.28 -5.42
C SER B 163 -7.34 -7.34 -5.45
N TRP B 164 -6.12 -6.93 -5.78
CA TRP B 164 -4.96 -7.81 -5.89
C TRP B 164 -4.04 -7.50 -4.72
N THR B 165 -3.46 -8.53 -4.09
CA THR B 165 -2.33 -8.30 -3.18
C THR B 165 -1.08 -7.96 -4.01
N ASP B 166 -0.08 -7.40 -3.33
CA ASP B 166 1.27 -7.27 -3.90
C ASP B 166 1.90 -8.65 -3.85
N GLN B 167 3.01 -8.86 -4.56
CA GLN B 167 3.68 -10.16 -4.55
C GLN B 167 3.99 -10.56 -3.13
N ASP B 168 3.69 -11.81 -2.79
CA ASP B 168 3.94 -12.35 -1.47
C ASP B 168 5.45 -12.41 -1.22
N SER B 169 5.85 -12.02 -0.01
CA SER B 169 7.26 -11.99 0.41
C SER B 169 7.99 -13.33 0.32
N LYS B 170 7.27 -14.41 0.60
CA LYS B 170 7.85 -15.75 0.66
C LYS B 170 7.80 -16.41 -0.72
N ASP B 171 6.61 -16.58 -1.29
CA ASP B 171 6.47 -17.41 -2.53
C ASP B 171 6.32 -16.62 -3.84
N SER B 172 6.29 -15.27 -3.75
CA SER B 172 6.19 -14.37 -4.91
C SER B 172 4.92 -14.55 -5.76
N THR B 173 3.88 -15.17 -5.22
CA THR B 173 2.61 -15.27 -5.92
C THR B 173 1.75 -14.03 -5.63
N TYR B 174 0.67 -13.94 -6.39
CA TYR B 174 -0.37 -12.97 -6.21
C TYR B 174 -1.61 -13.67 -5.71
N SER B 175 -2.42 -12.93 -4.99
CA SER B 175 -3.78 -13.35 -4.71
C SER B 175 -4.73 -12.24 -5.11
N MET B 176 -5.99 -12.60 -5.23
CA MET B 176 -7.00 -11.66 -5.72
C MET B 176 -8.32 -11.96 -5.05
N SER B 177 -9.12 -10.93 -4.80
CA SER B 177 -10.44 -11.07 -4.23
C SER B 177 -11.39 -10.43 -5.20
N SER B 178 -12.56 -11.04 -5.43
CA SER B 178 -13.61 -10.49 -6.29
C SER B 178 -14.95 -10.51 -5.58
N THR B 179 -15.53 -9.34 -5.40
CA THR B 179 -16.77 -9.18 -4.65
C THR B 179 -17.84 -8.63 -5.57
N LEU B 180 -18.85 -9.46 -5.86
CA LEU B 180 -20.06 -9.06 -6.60
C LEU B 180 -21.12 -8.67 -5.58
N THR B 181 -21.57 -7.41 -5.62
CA THR B 181 -22.63 -6.92 -4.76
C THR B 181 -23.90 -6.62 -5.56
N LEU B 182 -25.00 -7.23 -5.11
CA LEU B 182 -26.33 -7.07 -5.66
C LEU B 182 -27.22 -6.60 -4.54
N THR B 183 -28.45 -6.23 -4.88
CA THR B 183 -29.49 -6.12 -3.85
C THR B 183 -29.92 -7.51 -3.40
N LYS B 184 -30.40 -7.60 -2.15
CA LYS B 184 -31.06 -8.82 -1.66
C LYS B 184 -32.16 -9.24 -2.62
N ASP B 185 -32.94 -8.29 -3.12
CA ASP B 185 -34.01 -8.60 -4.04
C ASP B 185 -33.48 -9.31 -5.29
N GLU B 186 -32.50 -8.70 -5.95
CA GLU B 186 -31.86 -9.31 -7.14
C GLU B 186 -31.28 -10.71 -6.83
N TYR B 187 -30.51 -10.82 -5.75
CA TYR B 187 -29.87 -12.07 -5.35
C TYR B 187 -30.86 -13.24 -5.16
N GLU B 188 -31.96 -12.97 -4.48
CA GLU B 188 -32.96 -13.98 -4.13
C GLU B 188 -33.81 -14.43 -5.33
N ARG B 189 -33.63 -13.79 -6.48
CA ARG B 189 -34.34 -14.13 -7.71
C ARG B 189 -33.55 -15.04 -8.67
N HIS B 190 -32.43 -15.60 -8.21
CA HIS B 190 -31.60 -16.50 -9.03
C HIS B 190 -31.11 -17.62 -8.14
N ASN B 191 -30.72 -18.74 -8.75
CA ASN B 191 -30.32 -19.93 -8.00
C ASN B 191 -28.81 -20.09 -7.92
N SER B 192 -28.09 -20.02 -9.03
CA SER B 192 -26.65 -20.35 -9.01
C SER B 192 -25.71 -19.15 -9.30
N TYR B 193 -24.62 -19.10 -8.57
CA TYR B 193 -23.63 -18.03 -8.64
C TYR B 193 -22.30 -18.70 -8.86
N THR B 194 -21.58 -18.21 -9.87
CA THR B 194 -20.38 -18.89 -10.35
C THR B 194 -19.27 -17.91 -10.54
N CYS B 195 -18.12 -18.25 -9.98
CA CYS B 195 -16.88 -17.50 -10.12
C CYS B 195 -15.99 -18.29 -11.05
N GLU B 196 -15.52 -17.66 -12.14
CA GLU B 196 -14.68 -18.35 -13.16
C GLU B 196 -13.37 -17.64 -13.41
N ALA B 197 -12.26 -18.34 -13.24
CA ALA B 197 -10.96 -17.75 -13.42
C ALA B 197 -10.28 -18.31 -14.66
N THR B 198 -9.90 -17.44 -15.58
CA THR B 198 -9.06 -17.85 -16.71
C THR B 198 -7.65 -17.36 -16.44
N HIS B 199 -6.72 -18.30 -16.53
CA HIS B 199 -5.33 -18.05 -16.24
C HIS B 199 -4.51 -18.96 -17.14
N LYS B 200 -3.32 -18.50 -17.53
CA LYS B 200 -2.50 -19.22 -18.50
C LYS B 200 -2.16 -20.68 -18.08
N THR B 201 -2.17 -20.96 -16.78
CA THR B 201 -1.95 -22.31 -16.26
C THR B 201 -3.02 -23.39 -16.57
N SER B 202 -4.16 -23.02 -17.14
CA SER B 202 -5.13 -24.04 -17.56
C SER B 202 -5.83 -23.54 -18.82
N THR B 203 -6.06 -24.44 -19.77
CA THR B 203 -6.85 -24.10 -20.97
C THR B 203 -8.34 -23.95 -20.58
N SER B 204 -8.80 -24.75 -19.62
CA SER B 204 -10.13 -24.58 -19.02
C SER B 204 -10.11 -23.53 -17.88
N PRO B 205 -11.22 -22.79 -17.69
CA PRO B 205 -11.38 -21.95 -16.50
C PRO B 205 -11.43 -22.76 -15.21
N ILE B 206 -10.90 -22.23 -14.10
CA ILE B 206 -11.13 -22.81 -12.76
C ILE B 206 -12.41 -22.17 -12.25
N VAL B 207 -13.36 -22.99 -11.87
CA VAL B 207 -14.72 -22.56 -11.65
C VAL B 207 -15.14 -23.00 -10.27
N LYS B 208 -15.79 -22.10 -9.53
CA LYS B 208 -16.53 -22.50 -8.33
C LYS B 208 -17.92 -21.92 -8.37
N SER B 209 -18.87 -22.72 -7.88
CA SER B 209 -20.27 -22.35 -7.81
C SER B 209 -20.86 -22.66 -6.43
N PHE B 210 -21.93 -21.96 -6.07
CA PHE B 210 -22.89 -22.51 -5.12
C PHE B 210 -24.28 -22.21 -5.65
N ASN B 211 -25.27 -22.95 -5.15
CA ASN B 211 -26.66 -22.68 -5.46
C ASN B 211 -27.39 -22.38 -4.17
N ARG B 212 -28.41 -21.52 -4.26
CA ARG B 212 -29.31 -21.23 -3.14
C ARG B 212 -30.20 -22.43 -2.69
N ASN B 213 -29.94 -23.65 -3.19
CA ASN B 213 -30.62 -24.88 -2.75
C ASN B 213 -29.83 -25.74 -1.72
N GLU B 214 -28.62 -25.31 -1.35
CA GLU B 214 -27.76 -26.03 -0.40
C GLU B 214 -27.19 -25.07 0.65
#